data_1UZ5
#
_entry.id   1UZ5
#
_cell.length_a   181.375
_cell.length_b   181.375
_cell.length_c   71.311
_cell.angle_alpha   90.00
_cell.angle_beta   90.00
_cell.angle_gamma   120.00
#
_symmetry.space_group_name_H-M   'P 61 2 2'
#
loop_
_entity.id
_entity.type
_entity.pdbx_description
1 polymer '402AA LONG HYPOTHETICAL MOLYBDOPTERIN BIOSYNTHESIS MOEA PROTEIN'
2 non-polymer 'SULFATE ION'
3 water water
#
_entity_poly.entity_id   1
_entity_poly.type   'polypeptide(L)'
_entity_poly.pdbx_seq_one_letter_code
;MAFLKVVPLEKALEVVQSFKISPGIEEVPIEKGLGRIAAEDIYSPIDVPPFDRATVDGYAVRAEDTFMASEASPVRLKVI
GSVHAGEEPKFKLGKGEAAYISTGAMLPGNADAVIQFEDVERVNGEILIYKPAYPGLGVMKKGIDIEKGRLLVKKGERLG
FKQTALLSAVGINKVKVFRKPKVAVISTGNEIVPPGNELKPGQIYDINGRALCDAINELGGEGIFMGVARDDKESLKALI
EKAVNVGDVVVISGGASGGTKDLTASVIEELGEVKVHGIAIQPGKPTIIGVIKGKPVFGLPGYPTSCLTNFTLLVVPLLL
RALGREGKIGKKVARLKHKVFSVKGRRQFLPVKLEGDLAVPILKGSGAVTSFIDADGFVEIPETVESLDEGEEVEVTLFK
GW
;
_entity_poly.pdbx_strand_id   A
#
loop_
_chem_comp.id
_chem_comp.type
_chem_comp.name
_chem_comp.formula
SO4 non-polymer 'SULFATE ION' 'O4 S -2'
#
# COMPACT_ATOMS: atom_id res chain seq x y z
N LYS A 5 -1.00 27.44 25.25
CA LYS A 5 0.29 26.78 25.57
C LYS A 5 0.80 26.03 24.34
N VAL A 6 1.46 26.76 23.44
CA VAL A 6 1.99 26.19 22.22
C VAL A 6 3.23 25.33 22.46
N VAL A 7 3.31 24.22 21.75
CA VAL A 7 4.44 23.29 21.87
C VAL A 7 5.04 23.01 20.49
N PRO A 8 6.33 22.67 20.43
CA PRO A 8 6.97 22.39 19.13
C PRO A 8 6.32 21.19 18.42
N LEU A 9 6.48 21.15 17.10
CA LEU A 9 5.91 20.07 16.30
C LEU A 9 6.44 18.73 16.80
N GLU A 10 7.75 18.66 16.99
CA GLU A 10 8.38 17.42 17.46
C GLU A 10 7.66 16.85 18.66
N LYS A 11 7.24 17.71 19.59
CA LYS A 11 6.55 17.24 20.78
C LYS A 11 5.19 16.66 20.37
N ALA A 12 4.48 17.40 19.53
CA ALA A 12 3.17 16.94 19.06
C ALA A 12 3.31 15.60 18.35
N LEU A 13 4.43 15.44 17.62
CA LEU A 13 4.69 14.21 16.90
C LEU A 13 4.95 13.07 17.89
N GLU A 14 5.72 13.37 18.93
CA GLU A 14 6.03 12.36 19.94
C GLU A 14 4.76 11.91 20.63
N VAL A 15 3.84 12.85 20.83
CA VAL A 15 2.56 12.54 21.48
C VAL A 15 1.75 11.56 20.64
N VAL A 16 1.65 11.82 19.34
CA VAL A 16 0.89 10.93 18.47
C VAL A 16 1.54 9.56 18.44
N GLN A 17 2.87 9.55 18.41
CA GLN A 17 3.62 8.30 18.40
C GLN A 17 3.26 7.49 19.64
N SER A 18 2.95 8.20 20.73
CA SER A 18 2.60 7.53 21.98
C SER A 18 1.26 6.84 21.85
N PHE A 19 0.46 7.25 20.88
CA PHE A 19 -0.84 6.63 20.66
C PHE A 19 -0.63 5.33 19.91
N LYS A 20 -1.56 4.40 20.07
CA LYS A 20 -1.45 3.14 19.38
C LYS A 20 -2.83 2.62 19.04
N ILE A 21 -3.09 2.47 17.75
CA ILE A 21 -4.37 1.96 17.29
C ILE A 21 -4.14 0.52 16.86
N SER A 22 -5.03 -0.36 17.29
CA SER A 22 -4.95 -1.78 16.92
C SER A 22 -6.31 -2.14 16.36
N PRO A 23 -6.48 -1.99 15.04
CA PRO A 23 -7.74 -2.28 14.37
C PRO A 23 -8.09 -3.78 14.38
N GLY A 24 -7.08 -4.61 14.61
CA GLY A 24 -7.32 -6.04 14.62
C GLY A 24 -7.07 -6.64 13.26
N ILE A 25 -7.08 -7.97 13.19
CA ILE A 25 -6.83 -8.70 11.95
C ILE A 25 -8.03 -9.56 11.57
N GLU A 26 -8.22 -9.72 10.26
CA GLU A 26 -9.32 -10.55 9.77
C GLU A 26 -8.85 -11.30 8.51
N GLU A 27 -9.52 -12.40 8.22
CA GLU A 27 -9.15 -13.17 7.04
C GLU A 27 -10.22 -12.97 5.98
N VAL A 28 -9.78 -12.69 4.77
CA VAL A 28 -10.71 -12.49 3.67
C VAL A 28 -10.29 -13.43 2.54
N PRO A 29 -11.26 -13.86 1.72
CA PRO A 29 -10.94 -14.76 0.60
C PRO A 29 -9.95 -14.01 -0.30
N ILE A 30 -9.18 -14.74 -1.09
CA ILE A 30 -8.20 -14.09 -1.95
C ILE A 30 -8.84 -13.14 -2.97
N GLU A 31 -10.06 -13.46 -3.41
CA GLU A 31 -10.76 -12.61 -4.37
C GLU A 31 -11.29 -11.31 -3.75
N LYS A 32 -11.09 -11.14 -2.45
CA LYS A 32 -11.54 -9.94 -1.75
C LYS A 32 -10.33 -9.26 -1.12
N GLY A 33 -9.14 -9.70 -1.51
CA GLY A 33 -7.93 -9.11 -0.95
C GLY A 33 -7.48 -7.83 -1.65
N LEU A 34 -7.91 -7.64 -2.89
CA LEU A 34 -7.49 -6.47 -3.65
C LEU A 34 -7.73 -5.17 -2.88
N GLY A 35 -6.67 -4.38 -2.71
CA GLY A 35 -6.82 -3.12 -1.99
C GLY A 35 -6.54 -3.20 -0.49
N ARG A 36 -6.63 -4.40 0.08
CA ARG A 36 -6.38 -4.56 1.52
C ARG A 36 -4.90 -4.55 1.86
N ILE A 37 -4.59 -4.42 3.15
CA ILE A 37 -3.21 -4.37 3.62
C ILE A 37 -2.87 -5.66 4.38
N ALA A 38 -1.81 -6.34 3.94
CA ALA A 38 -1.38 -7.57 4.59
C ALA A 38 -1.04 -7.34 6.06
N ALA A 39 -1.66 -8.12 6.95
CA ALA A 39 -1.41 -7.97 8.38
C ALA A 39 -0.12 -8.64 8.85
N GLU A 40 0.50 -9.46 7.98
CA GLU A 40 1.75 -10.11 8.33
C GLU A 40 2.45 -10.65 7.09
N ASP A 41 3.75 -10.93 7.23
CA ASP A 41 4.52 -11.46 6.12
C ASP A 41 3.87 -12.76 5.66
N ILE A 42 4.00 -13.06 4.38
CA ILE A 42 3.46 -14.30 3.81
C ILE A 42 4.60 -14.95 3.03
N TYR A 43 4.88 -16.20 3.36
CA TYR A 43 5.96 -16.95 2.70
C TYR A 43 5.36 -18.04 1.83
N SER A 44 5.99 -18.33 0.70
CA SER A 44 5.45 -19.35 -0.19
C SER A 44 5.30 -20.69 0.51
N PRO A 45 4.10 -21.28 0.46
CA PRO A 45 3.82 -22.57 1.08
C PRO A 45 4.23 -23.74 0.18
N ILE A 46 4.62 -23.44 -1.05
CA ILE A 46 5.02 -24.49 -1.99
C ILE A 46 6.18 -24.06 -2.87
N ASP A 47 6.80 -25.05 -3.51
CA ASP A 47 7.88 -24.80 -4.46
C ASP A 47 7.19 -24.49 -5.79
N VAL A 48 7.80 -23.60 -6.57
CA VAL A 48 7.27 -23.24 -7.88
C VAL A 48 8.41 -23.35 -8.89
N PRO A 49 8.28 -24.22 -9.90
CA PRO A 49 7.13 -25.11 -10.11
C PRO A 49 7.11 -26.16 -9.01
N PRO A 50 5.95 -26.79 -8.76
CA PRO A 50 5.85 -27.80 -7.71
C PRO A 50 6.39 -29.18 -8.09
N PHE A 51 6.96 -29.27 -9.29
CA PHE A 51 7.54 -30.53 -9.80
C PHE A 51 8.47 -30.17 -10.94
N ASP A 52 9.36 -31.09 -11.31
CA ASP A 52 10.28 -30.83 -12.42
C ASP A 52 9.43 -30.82 -13.68
N ARG A 53 9.50 -29.76 -14.46
CA ARG A 53 8.70 -29.72 -15.67
C ARG A 53 9.52 -29.49 -16.93
N ALA A 54 9.08 -30.10 -18.02
CA ALA A 54 9.76 -29.96 -19.30
C ALA A 54 9.60 -28.51 -19.75
N THR A 55 10.62 -27.97 -20.40
CA THR A 55 10.57 -26.60 -20.89
C THR A 55 10.40 -26.58 -22.41
N VAL A 56 10.39 -27.78 -23.01
CA VAL A 56 10.23 -27.90 -24.45
C VAL A 56 9.53 -29.23 -24.75
N ASP A 57 8.97 -29.37 -25.96
CA ASP A 57 8.34 -30.61 -26.36
C ASP A 57 9.49 -31.51 -26.76
N GLY A 58 9.48 -32.76 -26.33
CA GLY A 58 10.56 -33.65 -26.72
C GLY A 58 10.54 -34.97 -25.99
N TYR A 59 11.72 -35.46 -25.64
CA TYR A 59 11.80 -36.74 -24.96
C TYR A 59 12.54 -36.69 -23.64
N ALA A 60 11.86 -37.14 -22.59
CA ALA A 60 12.41 -37.20 -21.26
C ALA A 60 13.32 -38.41 -21.25
N VAL A 61 14.54 -38.24 -20.74
CA VAL A 61 15.51 -39.32 -20.69
C VAL A 61 16.32 -39.28 -19.41
N ARG A 62 17.07 -40.34 -19.18
CA ARG A 62 17.98 -40.40 -18.04
C ARG A 62 19.25 -39.93 -18.76
N ALA A 63 19.73 -38.73 -18.43
CA ALA A 63 20.91 -38.17 -19.10
C ALA A 63 22.08 -39.14 -19.28
N GLU A 64 22.37 -39.92 -18.24
CA GLU A 64 23.46 -40.89 -18.26
C GLU A 64 23.39 -41.88 -19.42
N ASP A 65 22.16 -42.22 -19.85
CA ASP A 65 22.01 -43.17 -20.95
C ASP A 65 22.45 -42.59 -22.29
N THR A 66 22.75 -41.30 -22.31
CA THR A 66 23.16 -40.64 -23.56
C THR A 66 24.62 -40.20 -23.59
N PHE A 67 25.38 -40.53 -22.55
CA PHE A 67 26.76 -40.09 -22.46
C PHE A 67 27.71 -40.51 -23.59
N MET A 68 27.48 -41.68 -24.17
CA MET A 68 28.33 -42.17 -25.26
C MET A 68 27.82 -41.76 -26.64
N ALA A 69 26.78 -40.92 -26.66
CA ALA A 69 26.20 -40.48 -27.94
C ALA A 69 27.13 -39.60 -28.74
N SER A 70 27.23 -39.88 -30.04
CA SER A 70 28.06 -39.11 -30.96
C SER A 70 27.38 -39.16 -32.32
N GLU A 71 27.71 -38.21 -33.18
CA GLU A 71 27.12 -38.16 -34.51
C GLU A 71 27.46 -39.42 -35.30
N ALA A 72 28.58 -40.05 -34.97
CA ALA A 72 29.01 -41.26 -35.65
C ALA A 72 28.29 -42.48 -35.09
N SER A 73 28.13 -42.53 -33.77
CA SER A 73 27.45 -43.63 -33.11
C SER A 73 26.38 -43.09 -32.17
N PRO A 74 25.17 -42.87 -32.69
CA PRO A 74 24.07 -42.36 -31.88
C PRO A 74 23.54 -43.40 -30.92
N VAL A 75 22.97 -42.95 -29.81
CA VAL A 75 22.40 -43.85 -28.82
C VAL A 75 20.94 -44.07 -29.19
N ARG A 76 20.48 -45.30 -29.03
CA ARG A 76 19.10 -45.63 -29.37
C ARG A 76 18.31 -45.88 -28.08
N LEU A 77 17.23 -45.14 -27.90
CA LEU A 77 16.38 -45.31 -26.71
C LEU A 77 14.97 -45.71 -27.14
N LYS A 78 14.34 -46.57 -26.34
CA LYS A 78 12.99 -47.02 -26.64
C LYS A 78 11.98 -46.10 -25.96
N VAL A 79 11.01 -45.59 -26.72
CA VAL A 79 9.97 -44.71 -26.18
C VAL A 79 8.89 -45.59 -25.58
N ILE A 80 8.80 -45.61 -24.25
CA ILE A 80 7.84 -46.48 -23.59
C ILE A 80 6.55 -45.82 -23.09
N GLY A 81 6.44 -44.51 -23.25
CA GLY A 81 5.24 -43.84 -22.78
C GLY A 81 5.28 -42.35 -23.06
N SER A 82 4.35 -41.61 -22.46
CA SER A 82 4.31 -40.17 -22.68
C SER A 82 3.70 -39.44 -21.49
N VAL A 83 3.97 -38.14 -21.40
CA VAL A 83 3.42 -37.34 -20.32
C VAL A 83 2.93 -36.04 -20.90
N HIS A 84 1.67 -35.72 -20.64
CA HIS A 84 1.09 -34.48 -21.14
C HIS A 84 0.63 -33.59 -19.99
N ALA A 85 0.32 -32.35 -20.32
CA ALA A 85 -0.11 -31.36 -19.34
C ALA A 85 -1.11 -31.86 -18.33
N GLY A 86 -0.81 -31.60 -17.05
CA GLY A 86 -1.71 -31.98 -15.97
C GLY A 86 -1.64 -33.40 -15.46
N GLU A 87 -0.89 -34.26 -16.14
CA GLU A 87 -0.79 -35.66 -15.71
C GLU A 87 0.29 -35.92 -14.67
N GLU A 88 0.01 -36.87 -13.78
CA GLU A 88 0.99 -37.28 -12.80
C GLU A 88 1.53 -38.58 -13.42
N PRO A 89 2.81 -38.58 -13.85
CA PRO A 89 3.38 -39.79 -14.46
C PRO A 89 3.21 -41.00 -13.53
N LYS A 90 2.68 -42.10 -14.06
CA LYS A 90 2.53 -43.29 -13.24
C LYS A 90 3.53 -44.39 -13.62
N PHE A 91 4.63 -43.99 -14.25
CA PHE A 91 5.66 -44.95 -14.64
C PHE A 91 7.04 -44.30 -14.55
N LYS A 92 8.08 -45.11 -14.57
CA LYS A 92 9.45 -44.61 -14.49
C LYS A 92 10.27 -45.14 -15.65
N LEU A 93 11.38 -44.47 -15.94
CA LEU A 93 12.24 -44.89 -17.04
C LEU A 93 13.35 -45.82 -16.60
N GLY A 94 13.54 -46.90 -17.33
CA GLY A 94 14.61 -47.84 -17.03
C GLY A 94 15.77 -47.47 -17.94
N LYS A 95 16.93 -48.10 -17.78
CA LYS A 95 18.04 -47.75 -18.66
C LYS A 95 17.67 -48.04 -20.11
N GLY A 96 17.99 -47.11 -21.00
CA GLY A 96 17.68 -47.28 -22.40
C GLY A 96 16.22 -46.98 -22.74
N GLU A 97 15.53 -46.26 -21.85
CA GLU A 97 14.12 -45.94 -22.08
C GLU A 97 13.86 -44.44 -22.02
N ALA A 98 12.89 -43.99 -22.83
CA ALA A 98 12.53 -42.59 -22.90
C ALA A 98 11.01 -42.42 -22.98
N ALA A 99 10.55 -41.17 -22.84
CA ALA A 99 9.13 -40.89 -22.91
C ALA A 99 8.89 -39.58 -23.62
N TYR A 100 7.88 -39.54 -24.48
CA TYR A 100 7.57 -38.29 -25.14
C TYR A 100 7.00 -37.40 -24.03
N ILE A 101 7.28 -36.12 -24.07
CA ILE A 101 6.77 -35.21 -23.05
C ILE A 101 6.54 -33.85 -23.68
N SER A 102 5.45 -33.18 -23.30
CA SER A 102 5.18 -31.86 -23.85
C SER A 102 5.60 -30.78 -22.87
N THR A 103 5.82 -29.57 -23.39
CA THR A 103 6.24 -28.46 -22.56
C THR A 103 5.33 -28.30 -21.35
N GLY A 104 5.93 -28.05 -20.19
CA GLY A 104 5.16 -27.86 -18.97
C GLY A 104 4.79 -29.12 -18.20
N ALA A 105 4.85 -30.26 -18.88
CA ALA A 105 4.49 -31.53 -18.25
C ALA A 105 5.54 -32.04 -17.25
N MET A 106 5.10 -32.89 -16.33
CA MET A 106 5.96 -33.44 -15.29
C MET A 106 6.83 -34.60 -15.79
N LEU A 107 8.12 -34.58 -15.49
CA LEU A 107 8.99 -35.67 -15.93
C LEU A 107 8.66 -36.97 -15.21
N PRO A 108 8.71 -38.09 -15.94
CA PRO A 108 8.41 -39.38 -15.32
C PRO A 108 9.58 -39.78 -14.41
N GLY A 109 9.38 -40.80 -13.59
CA GLY A 109 10.42 -41.24 -12.67
C GLY A 109 11.76 -41.51 -13.35
N ASN A 110 12.84 -41.17 -12.66
CA ASN A 110 14.22 -41.34 -13.13
C ASN A 110 14.67 -40.42 -14.25
N ALA A 111 13.75 -39.70 -14.88
CA ALA A 111 14.15 -38.79 -15.96
C ALA A 111 14.78 -37.55 -15.34
N ASP A 112 15.81 -37.00 -15.99
CA ASP A 112 16.44 -35.78 -15.48
C ASP A 112 16.78 -34.80 -16.58
N ALA A 113 16.34 -35.09 -17.79
CA ALA A 113 16.57 -34.20 -18.92
C ALA A 113 15.51 -34.44 -19.99
N VAL A 114 15.29 -33.42 -20.81
CA VAL A 114 14.36 -33.52 -21.92
C VAL A 114 15.09 -33.04 -23.17
N ILE A 115 15.13 -33.89 -24.19
CA ILE A 115 15.80 -33.52 -25.43
C ILE A 115 14.74 -33.04 -26.42
N GLN A 116 14.90 -31.81 -26.90
CA GLN A 116 13.96 -31.22 -27.84
C GLN A 116 13.56 -32.20 -28.94
N PHE A 117 12.31 -32.10 -29.36
CA PHE A 117 11.77 -32.97 -30.38
C PHE A 117 12.65 -33.00 -31.64
N GLU A 118 13.08 -31.82 -32.08
CA GLU A 118 13.89 -31.69 -33.27
C GLU A 118 15.32 -32.21 -33.19
N ASP A 119 15.81 -32.48 -31.98
CA ASP A 119 17.18 -32.95 -31.85
C ASP A 119 17.35 -34.47 -31.81
N VAL A 120 16.32 -35.21 -32.19
CA VAL A 120 16.41 -36.66 -32.21
C VAL A 120 15.74 -37.15 -33.47
N GLU A 121 15.99 -38.40 -33.84
CA GLU A 121 15.36 -38.99 -35.02
C GLU A 121 14.50 -40.16 -34.56
N ARG A 122 13.23 -40.13 -34.96
CA ARG A 122 12.28 -41.18 -34.58
C ARG A 122 12.31 -42.38 -35.53
N VAL A 123 12.45 -43.58 -34.96
CA VAL A 123 12.49 -44.82 -35.74
C VAL A 123 11.87 -45.99 -34.98
N ASN A 124 10.91 -46.67 -35.61
CA ASN A 124 10.23 -47.82 -35.02
C ASN A 124 9.95 -47.72 -33.51
N GLY A 125 9.25 -46.67 -33.10
CA GLY A 125 8.94 -46.52 -31.69
C GLY A 125 10.17 -46.34 -30.81
N GLU A 126 11.22 -45.80 -31.42
CA GLU A 126 12.48 -45.56 -30.72
C GLU A 126 13.04 -44.25 -31.21
N ILE A 127 14.07 -43.74 -30.53
CA ILE A 127 14.66 -42.48 -30.96
C ILE A 127 16.19 -42.59 -30.96
N LEU A 128 16.82 -41.83 -31.85
CA LEU A 128 18.27 -41.81 -31.95
C LEU A 128 18.79 -40.48 -31.44
N ILE A 129 19.77 -40.55 -30.54
CA ILE A 129 20.38 -39.38 -29.94
C ILE A 129 21.84 -39.30 -30.39
N TYR A 130 22.23 -38.15 -30.92
CA TYR A 130 23.59 -37.95 -31.45
C TYR A 130 24.47 -37.08 -30.57
N LYS A 131 23.89 -36.49 -29.54
CA LYS A 131 24.64 -35.63 -28.63
C LYS A 131 24.26 -35.93 -27.19
N PRO A 132 25.26 -36.05 -26.30
CA PRO A 132 24.92 -36.35 -24.91
C PRO A 132 24.13 -35.23 -24.26
N ALA A 133 23.17 -35.60 -23.42
CA ALA A 133 22.39 -34.61 -22.70
C ALA A 133 23.04 -34.51 -21.33
N TYR A 134 22.62 -33.54 -20.53
CA TYR A 134 23.15 -33.40 -19.19
C TYR A 134 21.96 -33.17 -18.26
N PRO A 135 22.08 -33.60 -17.00
CA PRO A 135 20.96 -33.40 -16.06
C PRO A 135 20.52 -31.95 -16.07
N GLY A 136 19.22 -31.71 -16.21
CA GLY A 136 18.73 -30.35 -16.21
C GLY A 136 18.37 -29.77 -17.56
N LEU A 137 18.96 -30.32 -18.63
CA LEU A 137 18.66 -29.85 -19.99
C LEU A 137 17.16 -29.98 -20.25
N GLY A 138 16.57 -28.93 -20.80
CA GLY A 138 15.14 -28.95 -21.11
C GLY A 138 14.24 -29.12 -19.90
N VAL A 139 14.73 -28.75 -18.73
CA VAL A 139 13.96 -28.91 -17.50
C VAL A 139 14.00 -27.68 -16.58
N MET A 140 12.84 -27.38 -16.00
CA MET A 140 12.69 -26.30 -15.03
C MET A 140 12.50 -27.10 -13.76
N LYS A 141 13.54 -27.19 -12.94
CA LYS A 141 13.45 -27.98 -11.72
C LYS A 141 12.52 -27.39 -10.67
N LYS A 142 11.96 -28.28 -9.86
CA LYS A 142 11.04 -27.92 -8.79
C LYS A 142 11.60 -26.82 -7.90
N GLY A 143 10.86 -25.74 -7.74
CA GLY A 143 11.30 -24.65 -6.88
C GLY A 143 12.28 -23.64 -7.45
N ILE A 144 12.66 -23.77 -8.70
CA ILE A 144 13.60 -22.84 -9.33
C ILE A 144 12.98 -21.47 -9.64
N ASP A 145 11.66 -21.42 -9.77
CA ASP A 145 10.96 -20.17 -10.03
C ASP A 145 10.85 -19.50 -8.67
N ILE A 146 10.16 -20.16 -7.74
CA ILE A 146 9.99 -19.67 -6.38
C ILE A 146 10.19 -20.82 -5.39
N GLU A 147 11.18 -20.66 -4.51
CA GLU A 147 11.49 -21.67 -3.50
C GLU A 147 10.48 -21.64 -2.37
N LYS A 148 10.05 -22.82 -1.91
CA LYS A 148 9.13 -22.89 -0.80
C LYS A 148 9.77 -22.11 0.34
N GLY A 149 8.98 -21.28 1.03
CA GLY A 149 9.52 -20.50 2.14
C GLY A 149 9.98 -19.11 1.77
N ARG A 150 9.94 -18.78 0.48
CA ARG A 150 10.37 -17.45 0.04
C ARG A 150 9.36 -16.37 0.44
N LEU A 151 9.85 -15.21 0.85
CA LEU A 151 8.97 -14.11 1.23
C LEU A 151 8.19 -13.64 0.00
N LEU A 152 6.87 -13.70 0.06
CA LEU A 152 6.02 -13.28 -1.06
C LEU A 152 5.39 -11.89 -0.86
N VAL A 153 4.88 -11.64 0.34
CA VAL A 153 4.23 -10.36 0.67
C VAL A 153 4.66 -9.92 2.06
N LYS A 154 5.01 -8.64 2.20
CA LYS A 154 5.45 -8.09 3.50
C LYS A 154 4.29 -7.57 4.33
N LYS A 155 4.49 -7.54 5.65
CA LYS A 155 3.47 -7.00 6.54
C LYS A 155 3.35 -5.54 6.13
N GLY A 156 2.12 -5.02 6.06
CA GLY A 156 1.94 -3.63 5.70
C GLY A 156 1.91 -3.37 4.21
N GLU A 157 2.06 -4.41 3.41
CA GLU A 157 2.05 -4.24 1.97
C GLU A 157 0.63 -4.22 1.44
N ARG A 158 0.36 -3.35 0.48
CA ARG A 158 -0.97 -3.28 -0.12
C ARG A 158 -1.06 -4.38 -1.16
N LEU A 159 -2.20 -5.06 -1.24
CA LEU A 159 -2.36 -6.14 -2.21
C LEU A 159 -2.89 -5.63 -3.55
N GLY A 160 -1.99 -5.49 -4.52
CA GLY A 160 -2.37 -5.06 -5.86
C GLY A 160 -2.67 -6.32 -6.65
N PHE A 161 -3.02 -6.19 -7.94
CA PHE A 161 -3.34 -7.38 -8.73
C PHE A 161 -2.19 -8.38 -8.84
N LYS A 162 -0.96 -7.89 -8.75
CA LYS A 162 0.19 -8.76 -8.82
C LYS A 162 0.33 -9.59 -7.55
N GLN A 163 0.03 -8.98 -6.40
CA GLN A 163 0.11 -9.67 -5.13
C GLN A 163 -0.99 -10.73 -4.99
N THR A 164 -2.21 -10.36 -5.36
CA THR A 164 -3.32 -11.32 -5.26
C THR A 164 -3.10 -12.49 -6.23
N ALA A 165 -2.56 -12.20 -7.41
CA ALA A 165 -2.30 -13.25 -8.40
C ALA A 165 -1.18 -14.16 -7.87
N LEU A 166 -0.17 -13.56 -7.26
CA LEU A 166 0.95 -14.29 -6.69
C LEU A 166 0.47 -15.25 -5.61
N LEU A 167 -0.37 -14.77 -4.70
CA LEU A 167 -0.88 -15.61 -3.64
C LEU A 167 -1.70 -16.74 -4.25
N SER A 168 -2.49 -16.42 -5.27
CA SER A 168 -3.29 -17.44 -5.93
C SER A 168 -2.36 -18.50 -6.55
N ALA A 169 -1.29 -18.03 -7.18
CA ALA A 169 -0.31 -18.89 -7.84
C ALA A 169 0.30 -19.94 -6.91
N VAL A 170 0.32 -19.67 -5.61
CA VAL A 170 0.87 -20.64 -4.67
C VAL A 170 -0.21 -21.38 -3.87
N GLY A 171 -1.45 -21.30 -4.33
CA GLY A 171 -2.53 -22.01 -3.66
C GLY A 171 -3.20 -21.34 -2.46
N ILE A 172 -2.81 -20.11 -2.17
CA ILE A 172 -3.39 -19.37 -1.05
C ILE A 172 -4.76 -18.81 -1.45
N ASN A 173 -5.81 -19.16 -0.69
CA ASN A 173 -7.13 -18.65 -1.02
C ASN A 173 -7.74 -17.81 0.13
N LYS A 174 -6.96 -17.62 1.19
CA LYS A 174 -7.38 -16.81 2.34
C LYS A 174 -6.18 -16.03 2.81
N VAL A 175 -6.36 -14.73 3.06
CA VAL A 175 -5.26 -13.90 3.49
C VAL A 175 -5.61 -13.03 4.71
N LYS A 176 -4.66 -12.90 5.62
CA LYS A 176 -4.84 -12.11 6.83
C LYS A 176 -4.53 -10.65 6.56
N VAL A 177 -5.54 -9.81 6.70
CA VAL A 177 -5.34 -8.38 6.46
C VAL A 177 -5.79 -7.57 7.67
N PHE A 178 -5.29 -6.35 7.78
CA PHE A 178 -5.67 -5.48 8.88
C PHE A 178 -7.10 -5.03 8.68
N ARG A 179 -7.87 -4.98 9.76
CA ARG A 179 -9.24 -4.47 9.66
C ARG A 179 -9.00 -2.99 9.43
N LYS A 180 -9.96 -2.31 8.81
CA LYS A 180 -9.77 -0.88 8.54
C LYS A 180 -9.98 -0.02 9.78
N PRO A 181 -8.97 0.77 10.16
CA PRO A 181 -9.07 1.64 11.32
C PRO A 181 -10.22 2.63 11.06
N LYS A 182 -11.18 2.69 11.97
CA LYS A 182 -12.31 3.59 11.79
C LYS A 182 -12.01 4.99 12.30
N VAL A 183 -12.24 5.98 11.44
CA VAL A 183 -12.00 7.37 11.82
C VAL A 183 -13.32 8.15 11.69
N ALA A 184 -13.85 8.61 12.82
CA ALA A 184 -15.08 9.39 12.84
C ALA A 184 -14.69 10.83 12.53
N VAL A 185 -15.32 11.40 11.50
CA VAL A 185 -15.02 12.76 11.07
C VAL A 185 -16.17 13.74 11.32
N ILE A 186 -15.83 14.90 11.86
CA ILE A 186 -16.79 15.95 12.16
C ILE A 186 -16.38 17.30 11.56
N SER A 187 -17.35 18.02 11.02
CA SER A 187 -17.09 19.37 10.47
C SER A 187 -17.80 20.36 11.40
N THR A 188 -17.09 21.39 11.84
CA THR A 188 -17.71 22.38 12.74
C THR A 188 -17.73 23.79 12.16
N GLY A 189 -18.87 24.45 12.34
CA GLY A 189 -19.03 25.81 11.83
C GLY A 189 -20.50 26.15 11.66
N ASN A 190 -20.90 27.33 12.13
CA ASN A 190 -22.29 27.74 12.01
C ASN A 190 -22.67 28.03 10.57
N GLU A 191 -21.67 28.24 9.72
CA GLU A 191 -21.94 28.53 8.31
C GLU A 191 -22.01 27.28 7.44
N ILE A 192 -21.59 26.14 7.98
CA ILE A 192 -21.56 24.91 7.19
C ILE A 192 -22.83 24.07 7.14
N VAL A 193 -23.17 23.60 5.93
CA VAL A 193 -24.31 22.73 5.73
C VAL A 193 -23.88 21.57 4.81
N PRO A 194 -24.50 20.39 4.96
CA PRO A 194 -24.15 19.23 4.14
C PRO A 194 -24.57 19.42 2.67
N PRO A 195 -23.82 18.84 1.73
CA PRO A 195 -24.19 19.00 0.33
C PRO A 195 -25.60 18.43 0.10
N GLY A 196 -26.25 18.86 -0.98
CA GLY A 196 -27.59 18.36 -1.25
C GLY A 196 -28.65 19.30 -0.69
N ASN A 197 -28.33 19.96 0.42
CA ASN A 197 -29.26 20.90 1.03
C ASN A 197 -29.19 22.24 0.31
N GLU A 198 -30.28 22.99 0.36
CA GLU A 198 -30.32 24.30 -0.28
C GLU A 198 -29.55 25.29 0.60
N LEU A 199 -28.71 26.12 -0.02
CA LEU A 199 -27.95 27.11 0.73
C LEU A 199 -28.74 28.37 1.00
N LYS A 200 -28.62 28.88 2.21
CA LYS A 200 -29.25 30.15 2.54
C LYS A 200 -28.09 31.13 2.43
N PRO A 201 -28.36 32.41 2.13
CA PRO A 201 -27.24 33.34 2.03
C PRO A 201 -26.44 33.32 3.33
N GLY A 202 -25.12 33.30 3.23
CA GLY A 202 -24.29 33.25 4.42
C GLY A 202 -23.79 31.84 4.77
N GLN A 203 -24.35 30.83 4.13
CA GLN A 203 -23.92 29.45 4.39
C GLN A 203 -23.06 28.91 3.25
N ILE A 204 -22.26 27.90 3.56
CA ILE A 204 -21.42 27.25 2.55
C ILE A 204 -21.53 25.74 2.74
N TYR A 205 -21.08 24.97 1.75
CA TYR A 205 -21.14 23.52 1.84
C TYR A 205 -19.87 22.94 2.44
N ASP A 206 -20.02 21.82 3.15
CA ASP A 206 -18.86 21.17 3.75
C ASP A 206 -17.90 20.74 2.66
N ILE A 207 -16.61 20.81 2.96
CA ILE A 207 -15.61 20.35 2.01
C ILE A 207 -14.60 19.43 2.71
N ASN A 208 -14.23 19.78 3.93
CA ASN A 208 -13.26 18.98 4.69
C ASN A 208 -13.76 17.62 5.15
N GLY A 209 -15.04 17.52 5.48
CA GLY A 209 -15.60 16.26 5.93
C GLY A 209 -15.42 15.17 4.88
N ARG A 210 -15.87 15.47 3.66
CA ARG A 210 -15.78 14.56 2.53
C ARG A 210 -14.32 14.31 2.18
N ALA A 211 -13.53 15.38 2.20
CA ALA A 211 -12.12 15.26 1.89
C ALA A 211 -11.41 14.32 2.86
N LEU A 212 -11.64 14.52 4.16
CA LEU A 212 -11.02 13.69 5.19
C LEU A 212 -11.45 12.24 5.08
N CYS A 213 -12.76 12.01 5.02
CA CYS A 213 -13.27 10.65 4.93
C CYS A 213 -12.69 9.89 3.75
N ASP A 214 -12.64 10.53 2.59
CA ASP A 214 -12.13 9.84 1.42
C ASP A 214 -10.62 9.68 1.39
N ALA A 215 -9.89 10.63 1.98
CA ALA A 215 -8.44 10.49 2.02
C ALA A 215 -8.15 9.29 2.93
N ILE A 216 -8.91 9.21 4.02
CA ILE A 216 -8.77 8.12 4.98
C ILE A 216 -9.10 6.79 4.29
N ASN A 217 -10.17 6.78 3.50
CA ASN A 217 -10.55 5.56 2.78
C ASN A 217 -9.42 5.17 1.84
N GLU A 218 -8.83 6.15 1.18
CA GLU A 218 -7.75 5.90 0.23
C GLU A 218 -6.50 5.32 0.87
N LEU A 219 -6.13 5.78 2.06
CA LEU A 219 -4.92 5.27 2.69
C LEU A 219 -5.12 3.90 3.36
N GLY A 220 -6.36 3.44 3.45
CA GLY A 220 -6.61 2.14 4.04
C GLY A 220 -7.53 2.09 5.25
N GLY A 221 -8.03 3.24 5.70
CA GLY A 221 -8.92 3.24 6.83
C GLY A 221 -10.36 3.34 6.39
N GLU A 222 -11.26 3.53 7.34
CA GLU A 222 -12.67 3.69 7.03
C GLU A 222 -13.13 5.04 7.58
N GLY A 223 -13.36 6.00 6.67
CA GLY A 223 -13.81 7.31 7.09
C GLY A 223 -15.31 7.31 7.28
N ILE A 224 -15.75 7.68 8.47
CA ILE A 224 -17.17 7.72 8.77
C ILE A 224 -17.54 9.18 9.06
N PHE A 225 -18.34 9.78 8.18
CA PHE A 225 -18.74 11.17 8.35
C PHE A 225 -19.88 11.30 9.36
N MET A 226 -19.56 11.87 10.52
CA MET A 226 -20.54 12.06 11.58
C MET A 226 -21.50 13.22 11.31
N GLY A 227 -21.10 14.11 10.41
CA GLY A 227 -21.96 15.24 10.09
C GLY A 227 -21.38 16.58 10.51
N VAL A 228 -22.24 17.60 10.47
CA VAL A 228 -21.84 18.96 10.82
C VAL A 228 -22.27 19.38 12.22
N ALA A 229 -21.36 19.96 12.98
CA ALA A 229 -21.68 20.42 14.32
C ALA A 229 -21.69 21.96 14.39
N ARG A 230 -22.70 22.53 15.03
CA ARG A 230 -22.78 23.99 15.19
C ARG A 230 -21.62 24.37 16.11
N ASP A 231 -21.16 25.61 16.02
CA ASP A 231 -20.06 26.05 16.86
C ASP A 231 -20.49 26.41 18.29
N ASP A 232 -21.05 25.44 19.01
CA ASP A 232 -21.47 25.66 20.39
C ASP A 232 -21.30 24.37 21.21
N LYS A 233 -21.26 24.51 22.52
CA LYS A 233 -21.07 23.37 23.42
C LYS A 233 -21.96 22.16 23.19
N GLU A 234 -23.26 22.33 23.38
CA GLU A 234 -24.18 21.21 23.23
C GLU A 234 -24.04 20.45 21.91
N SER A 235 -24.13 21.16 20.79
CA SER A 235 -24.02 20.52 19.49
C SER A 235 -22.72 19.74 19.32
N LEU A 236 -21.61 20.39 19.62
CA LEU A 236 -20.30 19.75 19.48
C LEU A 236 -20.09 18.57 20.45
N LYS A 237 -20.46 18.74 21.71
CA LYS A 237 -20.28 17.66 22.70
C LYS A 237 -21.06 16.41 22.32
N ALA A 238 -22.30 16.60 21.88
CA ALA A 238 -23.16 15.48 21.51
C ALA A 238 -22.60 14.70 20.33
N LEU A 239 -22.07 15.41 19.33
CA LEU A 239 -21.51 14.77 18.16
C LEU A 239 -20.18 14.08 18.44
N ILE A 240 -19.34 14.72 19.26
CA ILE A 240 -18.07 14.12 19.61
C ILE A 240 -18.30 12.83 20.39
N GLU A 241 -19.33 12.83 21.23
CA GLU A 241 -19.66 11.64 22.01
C GLU A 241 -20.03 10.48 21.09
N LYS A 242 -20.80 10.78 20.04
CA LYS A 242 -21.21 9.75 19.10
C LYS A 242 -20.00 9.29 18.28
N ALA A 243 -19.15 10.24 17.89
CA ALA A 243 -17.96 9.94 17.12
C ALA A 243 -17.05 8.99 17.89
N VAL A 244 -16.85 9.29 19.18
CA VAL A 244 -15.99 8.48 20.04
C VAL A 244 -16.47 7.04 20.13
N ASN A 245 -17.78 6.84 20.01
CA ASN A 245 -18.35 5.50 20.08
C ASN A 245 -18.24 4.69 18.80
N VAL A 246 -18.24 5.36 17.65
CA VAL A 246 -18.17 4.66 16.37
C VAL A 246 -16.76 4.50 15.81
N GLY A 247 -15.84 5.37 16.20
CA GLY A 247 -14.49 5.26 15.67
C GLY A 247 -13.38 4.89 16.63
N ASP A 248 -12.21 4.64 16.07
CA ASP A 248 -11.02 4.31 16.85
C ASP A 248 -10.28 5.62 17.01
N VAL A 249 -10.61 6.55 16.13
CA VAL A 249 -10.01 7.88 16.10
C VAL A 249 -11.07 8.89 15.68
N VAL A 250 -11.01 10.09 16.25
CA VAL A 250 -11.95 11.14 15.89
C VAL A 250 -11.17 12.31 15.32
N VAL A 251 -11.62 12.84 14.19
CA VAL A 251 -10.95 13.98 13.58
C VAL A 251 -11.99 15.06 13.36
N ILE A 252 -11.68 16.26 13.85
CA ILE A 252 -12.57 17.40 13.74
C ILE A 252 -11.88 18.54 13.01
N SER A 253 -12.58 19.17 12.08
CA SER A 253 -12.02 20.31 11.36
C SER A 253 -13.01 21.47 11.48
N GLY A 254 -12.50 22.68 11.63
CA GLY A 254 -13.37 23.82 11.76
C GLY A 254 -12.67 25.05 12.31
N GLY A 255 -11.36 24.91 12.56
CA GLY A 255 -10.60 26.03 13.08
C GLY A 255 -10.49 27.12 12.02
N ALA A 256 -9.33 27.21 11.38
CA ALA A 256 -9.10 28.21 10.36
C ALA A 256 -8.06 27.72 9.36
N ASP A 262 -11.70 28.24 21.17
CA ASP A 262 -11.22 27.37 22.25
C ASP A 262 -12.38 26.50 22.73
N LEU A 263 -13.48 26.52 21.98
CA LEU A 263 -14.66 25.74 22.32
C LEU A 263 -14.44 24.22 22.23
N THR A 264 -13.85 23.78 21.13
CA THR A 264 -13.59 22.36 20.93
C THR A 264 -12.61 21.83 21.97
N ALA A 265 -11.60 22.64 22.27
CA ALA A 265 -10.59 22.24 23.24
C ALA A 265 -11.26 22.03 24.60
N SER A 266 -12.20 22.91 24.93
CA SER A 266 -12.90 22.83 26.21
C SER A 266 -13.81 21.61 26.26
N VAL A 267 -14.41 21.27 25.11
CA VAL A 267 -15.29 20.11 25.06
C VAL A 267 -14.46 18.83 25.23
N ILE A 268 -13.32 18.79 24.57
CA ILE A 268 -12.43 17.63 24.66
C ILE A 268 -11.89 17.53 26.08
N GLU A 269 -11.57 18.67 26.66
CA GLU A 269 -11.03 18.74 28.02
C GLU A 269 -11.99 18.15 29.04
N GLU A 270 -13.28 18.37 28.84
CA GLU A 270 -14.29 17.85 29.77
C GLU A 270 -14.72 16.42 29.50
N LEU A 271 -14.47 15.93 28.28
CA LEU A 271 -14.83 14.56 27.93
C LEU A 271 -13.62 13.65 28.14
N GLY A 272 -12.45 14.24 28.14
CA GLY A 272 -11.23 13.47 28.32
C GLY A 272 -10.04 14.34 28.69
N GLU A 273 -8.98 14.26 27.89
CA GLU A 273 -7.78 15.04 28.15
C GLU A 273 -7.20 15.64 26.88
N VAL A 274 -6.64 16.84 27.01
CA VAL A 274 -6.02 17.53 25.88
C VAL A 274 -4.51 17.44 26.05
N LYS A 275 -3.86 16.62 25.23
CA LYS A 275 -2.42 16.47 25.28
C LYS A 275 -1.75 17.70 24.67
N VAL A 276 -2.24 18.10 23.51
CA VAL A 276 -1.69 19.25 22.80
C VAL A 276 -2.77 20.28 22.51
N HIS A 277 -2.44 21.54 22.71
CA HIS A 277 -3.37 22.63 22.44
C HIS A 277 -2.55 23.77 21.88
N GLY A 278 -2.36 23.74 20.57
CA GLY A 278 -1.58 24.76 19.92
C GLY A 278 -0.23 24.18 19.56
N ILE A 279 0.21 24.44 18.34
CA ILE A 279 1.49 23.92 17.87
C ILE A 279 2.30 25.05 17.26
N ALA A 280 3.59 25.08 17.55
CA ALA A 280 4.48 26.12 17.03
C ALA A 280 4.73 25.96 15.54
N ILE A 281 3.67 26.02 14.76
CA ILE A 281 3.78 25.88 13.31
C ILE A 281 2.75 26.75 12.59
N GLN A 282 2.94 26.89 11.28
CA GLN A 282 2.04 27.67 10.44
C GLN A 282 1.76 26.89 9.15
N PRO A 283 0.49 26.52 8.91
CA PRO A 283 -0.68 26.77 9.75
C PRO A 283 -0.86 25.66 10.79
N GLY A 284 -1.95 25.73 11.55
CA GLY A 284 -2.20 24.72 12.55
C GLY A 284 -1.83 25.15 13.95
N LYS A 285 -1.59 26.45 14.12
CA LYS A 285 -1.24 27.00 15.41
C LYS A 285 -2.21 26.52 16.50
N PRO A 286 -3.53 26.63 16.26
CA PRO A 286 -4.53 26.20 17.24
C PRO A 286 -4.86 24.70 17.26
N THR A 287 -4.17 23.90 16.45
CA THR A 287 -4.44 22.47 16.39
C THR A 287 -4.47 21.80 17.76
N ILE A 288 -5.47 20.94 17.95
CA ILE A 288 -5.65 20.23 19.21
C ILE A 288 -5.45 18.72 19.06
N ILE A 289 -4.89 18.09 20.09
CA ILE A 289 -4.69 16.65 20.11
C ILE A 289 -5.02 16.17 21.51
N GLY A 290 -6.02 15.30 21.61
CA GLY A 290 -6.41 14.78 22.91
C GLY A 290 -6.79 13.31 22.88
N VAL A 291 -7.36 12.85 23.98
CA VAL A 291 -7.77 11.46 24.11
C VAL A 291 -9.07 11.38 24.91
N ILE A 292 -10.05 10.69 24.37
CA ILE A 292 -11.34 10.50 25.02
C ILE A 292 -11.62 9.00 25.00
N LYS A 293 -11.81 8.42 26.18
CA LYS A 293 -12.07 7.00 26.30
C LYS A 293 -11.03 6.20 25.51
N GLY A 294 -9.77 6.53 25.74
CA GLY A 294 -8.67 5.84 25.08
C GLY A 294 -8.51 6.07 23.58
N LYS A 295 -9.38 6.87 22.99
CA LYS A 295 -9.30 7.11 21.55
C LYS A 295 -8.73 8.49 21.19
N PRO A 296 -7.74 8.51 20.29
CA PRO A 296 -7.13 9.78 19.88
C PRO A 296 -8.17 10.69 19.24
N VAL A 297 -8.07 11.99 19.52
CA VAL A 297 -8.99 12.98 18.97
C VAL A 297 -8.14 14.12 18.43
N PHE A 298 -8.43 14.56 17.21
CA PHE A 298 -7.70 15.64 16.57
C PHE A 298 -8.64 16.79 16.21
N GLY A 299 -8.18 18.01 16.47
CA GLY A 299 -8.95 19.19 16.13
C GLY A 299 -8.08 19.92 15.13
N LEU A 300 -8.46 19.89 13.85
CA LEU A 300 -7.66 20.54 12.82
C LEU A 300 -8.28 21.83 12.29
N PRO A 301 -7.48 22.66 11.61
CA PRO A 301 -7.93 23.94 11.03
C PRO A 301 -9.04 23.75 10.02
N GLY A 302 -9.87 24.78 9.86
CA GLY A 302 -10.96 24.71 8.90
C GLY A 302 -10.56 25.07 7.48
N TYR A 303 -9.49 25.83 7.33
CA TYR A 303 -9.02 26.21 5.99
C TYR A 303 -8.55 24.93 5.30
N PRO A 304 -9.19 24.57 4.17
CA PRO A 304 -8.88 23.36 3.38
C PRO A 304 -7.42 22.89 3.29
N THR A 305 -6.53 23.72 2.75
CA THR A 305 -5.12 23.33 2.63
C THR A 305 -4.42 23.16 3.98
N SER A 306 -4.91 23.87 4.99
CA SER A 306 -4.33 23.80 6.32
C SER A 306 -4.79 22.51 7.01
N CYS A 307 -6.04 22.14 6.75
CA CYS A 307 -6.61 20.92 7.31
C CYS A 307 -5.85 19.75 6.68
N LEU A 308 -5.63 19.84 5.37
CA LEU A 308 -4.92 18.81 4.63
C LEU A 308 -3.49 18.68 5.12
N THR A 309 -2.83 19.81 5.32
CA THR A 309 -1.45 19.81 5.80
C THR A 309 -1.34 19.21 7.19
N ASN A 310 -2.19 19.66 8.11
CA ASN A 310 -2.14 19.14 9.47
C ASN A 310 -2.56 17.67 9.53
N PHE A 311 -3.48 17.29 8.65
CA PHE A 311 -3.95 15.90 8.59
C PHE A 311 -2.76 15.01 8.27
N THR A 312 -2.03 15.39 7.23
CA THR A 312 -0.86 14.67 6.77
C THR A 312 0.24 14.56 7.83
N LEU A 313 0.50 15.68 8.50
CA LEU A 313 1.55 15.73 9.52
C LEU A 313 1.24 14.99 10.81
N LEU A 314 -0.02 15.06 11.25
CA LEU A 314 -0.40 14.45 12.52
C LEU A 314 -1.22 13.16 12.49
N VAL A 315 -2.24 13.11 11.64
CA VAL A 315 -3.09 11.94 11.59
C VAL A 315 -2.57 10.79 10.73
N VAL A 316 -2.06 11.11 9.56
CA VAL A 316 -1.55 10.09 8.65
C VAL A 316 -0.53 9.14 9.29
N PRO A 317 0.50 9.67 9.96
CA PRO A 317 1.48 8.78 10.60
C PRO A 317 0.82 7.76 11.54
N LEU A 318 -0.19 8.21 12.26
CA LEU A 318 -0.92 7.33 13.19
C LEU A 318 -1.62 6.21 12.43
N LEU A 319 -2.32 6.58 11.37
CA LEU A 319 -3.05 5.61 10.58
C LEU A 319 -2.13 4.62 9.87
N LEU A 320 -1.03 5.12 9.33
CA LEU A 320 -0.07 4.27 8.64
C LEU A 320 0.52 3.23 9.60
N ARG A 321 0.85 3.66 10.81
CA ARG A 321 1.43 2.75 11.80
C ARG A 321 0.43 1.68 12.17
N ALA A 322 -0.85 2.03 12.21
CA ALA A 322 -1.90 1.07 12.53
C ALA A 322 -2.00 0.02 11.43
N LEU A 323 -1.53 0.36 10.23
CA LEU A 323 -1.58 -0.55 9.09
C LEU A 323 -0.22 -1.16 8.78
N GLY A 324 0.69 -1.08 9.75
CA GLY A 324 2.02 -1.63 9.56
C GLY A 324 2.80 -0.91 8.48
N ARG A 325 2.36 0.30 8.14
CA ARG A 325 3.00 1.10 7.11
C ARG A 325 3.82 2.19 7.78
N GLU A 326 4.00 2.05 9.09
CA GLU A 326 4.76 3.01 9.88
C GLU A 326 6.01 3.51 9.16
N GLY A 327 5.87 4.63 8.47
CA GLY A 327 6.97 5.20 7.72
C GLY A 327 6.76 4.97 6.24
N LYS A 328 5.69 5.56 5.70
CA LYS A 328 5.36 5.40 4.29
C LYS A 328 4.96 6.76 3.70
N ILE A 329 5.69 7.80 4.08
CA ILE A 329 5.40 9.15 3.59
C ILE A 329 6.08 9.42 2.25
N GLY A 330 5.31 9.93 1.30
CA GLY A 330 5.86 10.23 -0.02
C GLY A 330 6.45 11.63 -0.12
N LYS A 331 7.72 11.70 -0.51
CA LYS A 331 8.40 12.98 -0.66
C LYS A 331 9.04 13.10 -2.04
N LYS A 332 9.20 14.33 -2.51
CA LYS A 332 9.78 14.59 -3.81
C LYS A 332 10.49 15.94 -3.81
N VAL A 333 11.69 15.97 -4.39
CA VAL A 333 12.46 17.21 -4.45
C VAL A 333 12.08 18.01 -5.70
N ALA A 334 12.15 19.33 -5.58
CA ALA A 334 11.82 20.22 -6.69
C ALA A 334 12.34 21.62 -6.40
N ARG A 335 12.33 22.48 -7.41
CA ARG A 335 12.80 23.85 -7.25
C ARG A 335 11.66 24.84 -7.39
N LEU A 336 11.60 25.83 -6.50
CA LEU A 336 10.53 26.82 -6.54
C LEU A 336 10.47 27.58 -7.85
N LYS A 337 9.27 28.01 -8.23
CA LYS A 337 9.07 28.76 -9.45
C LYS A 337 9.17 30.25 -9.15
N HIS A 338 9.07 30.59 -7.87
CA HIS A 338 9.14 31.98 -7.43
C HIS A 338 9.75 32.05 -6.03
N LYS A 339 10.14 33.26 -5.62
CA LYS A 339 10.72 33.47 -4.29
C LYS A 339 9.63 33.43 -3.23
N VAL A 340 9.98 32.98 -2.03
CA VAL A 340 9.01 32.89 -0.93
C VAL A 340 9.51 33.56 0.35
N PHE A 341 8.70 34.43 0.91
CA PHE A 341 9.04 35.13 2.15
C PHE A 341 8.23 34.49 3.27
N SER A 342 8.86 34.28 4.42
CA SER A 342 8.18 33.65 5.55
C SER A 342 8.85 33.88 6.90
N VAL A 343 8.03 34.03 7.93
CA VAL A 343 8.53 34.27 9.29
C VAL A 343 9.06 32.98 9.91
N ARG A 346 8.37 31.87 12.70
CA ARG A 346 7.74 30.61 13.09
C ARG A 346 7.92 29.54 12.03
N ARG A 347 7.86 28.28 12.44
CA ARG A 347 8.01 27.15 11.53
C ARG A 347 6.74 27.04 10.70
N GLN A 348 6.86 27.17 9.38
CA GLN A 348 5.68 27.09 8.53
C GLN A 348 5.77 26.08 7.39
N PHE A 349 4.61 25.58 6.98
CA PHE A 349 4.52 24.62 5.88
C PHE A 349 3.74 25.25 4.74
N LEU A 350 4.44 25.51 3.64
CA LEU A 350 3.87 26.15 2.46
C LEU A 350 3.26 25.18 1.45
N PRO A 351 1.95 25.32 1.19
CA PRO A 351 1.29 24.45 0.22
C PRO A 351 1.83 24.80 -1.16
N VAL A 352 2.15 23.79 -1.96
CA VAL A 352 2.68 24.05 -3.29
C VAL A 352 2.01 23.17 -4.35
N LYS A 353 2.11 23.61 -5.59
CA LYS A 353 1.56 22.89 -6.72
C LYS A 353 2.76 22.39 -7.52
N LEU A 354 2.77 21.11 -7.87
CA LEU A 354 3.88 20.56 -8.63
C LEU A 354 3.56 20.58 -10.11
N GLU A 355 4.31 21.39 -10.85
CA GLU A 355 4.13 21.50 -12.29
C GLU A 355 5.36 20.94 -12.99
N GLY A 356 5.68 19.69 -12.69
CA GLY A 356 6.84 19.05 -13.28
C GLY A 356 7.90 18.86 -12.23
N ASP A 357 8.98 19.63 -12.32
CA ASP A 357 10.07 19.54 -11.36
C ASP A 357 10.15 20.82 -10.54
N LEU A 358 9.22 21.73 -10.77
CA LEU A 358 9.20 23.00 -10.06
C LEU A 358 7.97 23.13 -9.15
N ALA A 359 8.22 23.59 -7.92
CA ALA A 359 7.16 23.77 -6.95
C ALA A 359 6.66 25.21 -7.02
N VAL A 360 5.36 25.36 -7.29
CA VAL A 360 4.75 26.68 -7.38
C VAL A 360 3.95 26.98 -6.11
N PRO A 361 4.43 27.95 -5.32
CA PRO A 361 3.75 28.31 -4.07
C PRO A 361 2.28 28.70 -4.32
N ILE A 362 1.40 28.28 -3.42
CA ILE A 362 -0.01 28.60 -3.56
C ILE A 362 -0.34 29.85 -2.74
N LEU A 363 -1.13 30.75 -3.32
CA LEU A 363 -1.50 32.00 -2.66
C LEU A 363 -2.91 32.02 -2.07
N LYS A 364 -3.11 33.00 -1.20
CA LYS A 364 -4.39 33.21 -0.51
C LYS A 364 -5.54 33.55 -1.46
N GLY A 365 -5.47 34.74 -2.05
CA GLY A 365 -6.50 35.21 -2.96
C GLY A 365 -7.03 34.22 -3.98
N SER A 366 -6.26 33.18 -4.28
CA SER A 366 -6.68 32.19 -5.26
C SER A 366 -7.99 31.53 -4.81
N GLY A 367 -8.27 31.63 -3.51
CA GLY A 367 -9.49 31.04 -2.98
C GLY A 367 -9.24 29.76 -2.21
N ALA A 368 -10.07 29.49 -1.21
CA ALA A 368 -9.92 28.31 -0.38
C ALA A 368 -10.05 26.99 -1.15
N VAL A 369 -11.07 26.89 -1.99
CA VAL A 369 -11.27 25.66 -2.75
C VAL A 369 -10.24 25.46 -3.86
N THR A 370 -9.98 26.51 -4.63
CA THR A 370 -8.99 26.42 -5.71
C THR A 370 -7.62 26.06 -5.14
N SER A 371 -7.30 26.57 -3.96
CA SER A 371 -6.03 26.29 -3.30
C SER A 371 -5.96 24.81 -2.94
N PHE A 372 -7.08 24.29 -2.45
CA PHE A 372 -7.19 22.89 -2.07
C PHE A 372 -6.93 22.03 -3.31
N ILE A 373 -7.59 22.38 -4.40
CA ILE A 373 -7.45 21.65 -5.66
C ILE A 373 -6.02 21.67 -6.17
N ASP A 374 -5.36 22.82 -6.10
CA ASP A 374 -3.98 22.96 -6.59
C ASP A 374 -2.86 22.42 -5.70
N ALA A 375 -3.14 22.27 -4.41
CA ALA A 375 -2.11 21.77 -3.48
C ALA A 375 -1.72 20.31 -3.68
N ASP A 376 -0.51 20.08 -4.18
CA ASP A 376 -0.04 18.72 -4.40
C ASP A 376 0.77 18.24 -3.20
N GLY A 377 1.24 19.19 -2.41
CA GLY A 377 2.02 18.86 -1.23
C GLY A 377 2.47 20.13 -0.53
N PHE A 378 3.40 20.00 0.41
CA PHE A 378 3.88 21.17 1.12
C PHE A 378 5.39 21.15 1.31
N VAL A 379 5.95 22.34 1.47
CA VAL A 379 7.38 22.52 1.68
C VAL A 379 7.52 23.10 3.09
N GLU A 380 8.34 22.48 3.91
CA GLU A 380 8.55 22.92 5.30
C GLU A 380 9.69 23.94 5.39
N ILE A 381 9.36 25.13 5.90
CA ILE A 381 10.33 26.21 6.06
C ILE A 381 10.63 26.37 7.56
N PRO A 382 11.88 26.10 7.95
CA PRO A 382 12.40 26.15 9.33
C PRO A 382 11.92 27.31 10.19
N GLU A 383 11.81 27.04 11.49
CA GLU A 383 11.35 28.05 12.46
C GLU A 383 12.17 29.33 12.35
N THR A 384 13.36 29.22 11.76
CA THR A 384 14.21 30.39 11.62
C THR A 384 13.48 31.46 10.81
N VAL A 385 13.40 31.26 9.50
CA VAL A 385 12.73 32.17 8.56
C VAL A 385 13.52 32.29 7.26
N GLU A 386 13.77 33.53 6.86
CA GLU A 386 14.49 33.87 5.64
C GLU A 386 13.60 33.79 4.40
N SER A 387 14.22 33.68 3.23
CA SER A 387 13.49 33.60 1.97
C SER A 387 13.92 32.33 1.24
N LEU A 388 12.99 31.73 0.50
CA LEU A 388 13.28 30.50 -0.22
C LEU A 388 13.94 30.75 -1.58
N ASP A 389 13.83 31.97 -2.08
CA ASP A 389 14.40 32.32 -3.38
C ASP A 389 13.88 31.38 -4.45
N GLU A 390 14.41 31.51 -5.66
CA GLU A 390 14.00 30.67 -6.77
C GLU A 390 14.86 29.41 -6.82
N GLY A 391 14.32 28.34 -7.38
CA GLY A 391 15.05 27.10 -7.48
C GLY A 391 15.54 26.57 -6.15
N GLU A 392 16.86 26.50 -6.01
CA GLU A 392 17.52 26.01 -4.80
C GLU A 392 17.01 24.67 -4.30
N GLU A 393 16.13 24.04 -5.07
CA GLU A 393 15.56 22.73 -4.72
C GLU A 393 15.06 22.61 -3.28
N VAL A 394 13.83 22.15 -3.14
CA VAL A 394 13.23 21.96 -1.82
C VAL A 394 12.54 20.61 -1.76
N GLU A 395 12.52 20.04 -0.57
CA GLU A 395 11.88 18.74 -0.37
C GLU A 395 10.38 19.01 -0.28
N VAL A 396 9.59 18.17 -0.94
CA VAL A 396 8.14 18.34 -0.93
C VAL A 396 7.43 17.08 -0.48
N THR A 397 6.67 17.18 0.61
CA THR A 397 5.91 16.04 1.09
C THR A 397 4.59 16.10 0.35
N LEU A 398 4.32 15.11 -0.48
CA LEU A 398 3.10 15.07 -1.27
C LEU A 398 1.88 14.60 -0.49
N PHE A 399 0.72 15.06 -0.92
CA PHE A 399 -0.53 14.67 -0.27
C PHE A 399 -1.00 13.37 -0.89
N LYS A 400 -0.29 12.28 -0.60
CA LYS A 400 -0.62 10.96 -1.12
C LYS A 400 -0.80 11.03 -2.63
N GLY A 401 -1.97 10.58 -3.11
CA GLY A 401 -2.21 10.61 -4.55
C GLY A 401 -3.63 10.23 -4.93
N TRP A 402 -3.97 10.49 -6.18
CA TRP A 402 -5.29 10.21 -6.76
C TRP A 402 -6.47 10.54 -5.84
S SO4 B . -0.56 -31.00 -24.01
O1 SO4 B . 0.40 -31.16 -25.31
O2 SO4 B . -0.74 -29.57 -23.85
O3 SO4 B . -1.69 -31.64 -24.21
O4 SO4 B . 0.25 -31.50 -22.94
S SO4 C . 3.18 -0.80 -1.03
O1 SO4 C . 4.56 -0.95 -0.17
O2 SO4 C . 2.25 -1.69 -0.37
O3 SO4 C . 2.79 0.44 -1.04
O4 SO4 C . 3.54 -1.35 -2.31
S SO4 D . -19.60 8.54 4.67
O1 SO4 D . -18.01 8.48 4.40
O2 SO4 D . -19.74 8.24 6.09
O3 SO4 D . -20.07 9.72 4.33
O4 SO4 D . -20.10 7.43 3.91
S SO4 E . -2.24 29.62 11.94
O1 SO4 E . -1.60 31.06 12.36
O2 SO4 E . -3.30 29.42 12.89
O3 SO4 E . -2.65 29.66 10.71
O4 SO4 E . -1.16 28.71 12.22
S SO4 F . -13.66 26.82 18.29
O1 SO4 F . -12.30 26.22 18.96
O2 SO4 F . -14.01 27.95 19.11
O3 SO4 F . -13.44 27.12 17.04
O4 SO4 F . -14.62 25.76 18.51
S SO4 G . 7.55 -22.09 -14.37
O1 SO4 G . 8.69 -21.04 -14.84
O2 SO4 G . 7.38 -21.86 -12.94
O3 SO4 G . 6.45 -21.90 -15.05
O4 SO4 G . 8.18 -23.38 -14.57
#